data_1UYQ
#
_entry.id   1UYQ
#
_cell.length_a   136.416
_cell.length_b   136.416
_cell.length_c   173.341
_cell.angle_alpha   90.00
_cell.angle_beta   90.00
_cell.angle_gamma   90.00
#
_symmetry.space_group_name_H-M   'I 4 2 2'
#
loop_
_entity.id
_entity.type
_entity.pdbx_description
1 polymer 'BETA-GLUCOSIDASE A'
2 non-polymer 2-deoxy-2-fluoro-alpha-D-glucopyranose
3 non-polymer '2,4-dinitrophenyl 2-deoxy-2-fluoro-beta-D-glucopyranoside'
4 water water
#
_entity_poly.entity_id   1
_entity_poly.type   'polypeptide(L)'
_entity_poly.pdbx_seq_one_letter_code
;TIFQFPQDFMWGTATAAYQIEGAYQEDGRGLSIWDTFAHTPGKVFNGDNGNVACDSYHRYEEDIRLMKELGIRTYRFSVS
WPRIFPNGDGEVNQEGLDYYHRVVDLLNDNGIEPFCTLYHWDLPQALQDAGGWGNRRTIQAFVQFAETMFREFHGKIQHW
LTFNEPWCIAFLSNMLGVHAPGLTNLQTAIDVGHHLLVAHGLSVRRFRELGTSGQIGIAPNVSWAVPYSTSEEDKAACAR
TISLHSDWFLQPIYQGSYPQFLVDWFAEQGATVPIQDGDMDIIGEPIDMIGINYYSMSVNRFNPEAGFLQSEEINMGLPV
TDIGWPVESRGLYEVLHYLQKYGNIDIYITENGACINDEVVNGKVQDDRRISYMQQHLVQVHRAIHDGLHVKGYMAWSLL
DNFEWAEGYNMRFGMIHVDFRTQVRTPKQSYYWYRNVVGNNWLETRR
;
_entity_poly.pdbx_strand_id   A
#
loop_
_chem_comp.id
_chem_comp.type
_chem_comp.name
_chem_comp.formula
G2F D-saccharide, alpha linking 2-deoxy-2-fluoro-alpha-D-glucopyranose 'C6 H11 F O5'
NFG D-saccharide '2,4-dinitrophenyl 2-deoxy-2-fluoro-beta-D-glucopyranoside' 'C12 H13 F N2 O9'
#
# COMPACT_ATOMS: atom_id res chain seq x y z
N THR A 1 14.86 -26.84 3.67
CA THR A 1 15.96 -25.95 3.21
C THR A 1 16.08 -24.73 4.12
N ILE A 2 17.30 -24.28 4.37
CA ILE A 2 17.55 -23.12 5.21
C ILE A 2 17.75 -21.86 4.38
N PHE A 3 17.01 -20.81 4.71
CA PHE A 3 17.14 -19.55 3.99
C PHE A 3 17.56 -18.47 5.00
N GLN A 4 18.85 -18.13 4.96
CA GLN A 4 19.47 -17.14 5.84
C GLN A 4 19.41 -15.74 5.21
N PHE A 5 18.83 -14.78 5.93
CA PHE A 5 18.71 -13.42 5.43
C PHE A 5 19.89 -12.51 5.81
N PRO A 6 20.07 -11.41 5.08
CA PRO A 6 21.17 -10.45 5.34
C PRO A 6 21.14 -9.90 6.76
N GLN A 7 22.33 -9.64 7.30
CA GLN A 7 22.47 -9.12 8.64
C GLN A 7 21.56 -7.93 8.95
N ASP A 8 21.44 -7.00 8.01
CA ASP A 8 20.59 -5.83 8.27
C ASP A 8 19.25 -5.82 7.56
N PHE A 9 18.74 -7.00 7.25
CA PHE A 9 17.44 -7.08 6.60
C PHE A 9 16.45 -6.48 7.60
N MET A 10 15.53 -5.67 7.10
CA MET A 10 14.55 -5.00 7.94
C MET A 10 13.20 -5.72 7.99
N TRP A 11 12.86 -6.31 9.14
CA TRP A 11 11.59 -7.00 9.31
C TRP A 11 10.55 -6.05 9.91
N GLY A 12 9.32 -6.13 9.42
CA GLY A 12 8.29 -5.26 9.93
C GLY A 12 6.87 -5.74 9.68
N THR A 13 5.92 -4.87 10.02
CA THR A 13 4.50 -5.13 9.83
C THR A 13 3.90 -3.83 9.32
N ALA A 14 2.71 -3.90 8.74
CA ALA A 14 2.06 -2.72 8.19
C ALA A 14 0.56 -2.61 8.43
N THR A 15 0.09 -1.37 8.48
CA THR A 15 -1.32 -1.04 8.67
C THR A 15 -1.57 0.26 7.90
N ALA A 16 -2.80 0.75 7.97
CA ALA A 16 -3.18 2.00 7.30
C ALA A 16 -4.14 2.71 8.26
N ALA A 17 -4.04 4.03 8.32
CA ALA A 17 -4.86 4.82 9.22
C ALA A 17 -6.36 4.50 9.27
N TYR A 18 -7.05 4.67 8.15
CA TYR A 18 -8.48 4.41 8.14
C TYR A 18 -8.88 2.98 8.46
N GLN A 19 -7.97 2.04 8.23
CA GLN A 19 -8.29 0.64 8.48
C GLN A 19 -8.18 0.20 9.94
N ILE A 20 -7.46 0.96 10.76
CA ILE A 20 -7.29 0.55 12.16
C ILE A 20 -7.63 1.58 13.24
N GLU A 21 -7.41 2.86 12.95
CA GLU A 21 -7.63 3.93 13.93
C GLU A 21 -8.98 4.09 14.62
N GLY A 22 -10.04 4.26 13.84
CA GLY A 22 -11.34 4.46 14.46
C GLY A 22 -11.41 5.92 14.89
N ALA A 23 -12.17 6.22 15.95
CA ALA A 23 -12.31 7.59 16.44
C ALA A 23 -12.40 8.52 15.23
N TYR A 24 -13.29 8.19 14.29
CA TYR A 24 -13.42 8.96 13.06
C TYR A 24 -13.89 10.41 13.20
N GLN A 25 -14.50 10.76 14.33
CA GLN A 25 -14.95 12.14 14.56
C GLN A 25 -14.24 12.76 15.75
N GLU A 26 -13.30 12.03 16.33
CA GLU A 26 -12.60 12.51 17.51
C GLU A 26 -11.48 13.53 17.26
N ASP A 27 -11.30 14.40 18.24
CA ASP A 27 -10.29 15.44 18.23
C ASP A 27 -10.21 16.27 16.95
N GLY A 28 -11.37 16.67 16.44
CA GLY A 28 -11.40 17.50 15.24
C GLY A 28 -11.11 16.84 13.90
N ARG A 29 -11.01 15.52 13.86
CA ARG A 29 -10.74 14.86 12.58
C ARG A 29 -11.84 15.21 11.58
N GLY A 30 -11.43 15.55 10.37
CA GLY A 30 -12.40 15.86 9.32
C GLY A 30 -12.76 14.56 8.62
N LEU A 31 -13.77 14.60 7.74
CA LEU A 31 -14.19 13.42 7.01
C LEU A 31 -13.33 13.20 5.77
N SER A 32 -13.09 11.94 5.42
CA SER A 32 -12.30 11.62 4.24
C SER A 32 -13.24 11.01 3.22
N ILE A 33 -12.80 10.90 1.98
CA ILE A 33 -13.63 10.32 0.94
C ILE A 33 -14.03 8.90 1.30
N TRP A 34 -13.25 8.24 2.16
CA TRP A 34 -13.61 6.88 2.56
C TRP A 34 -14.68 6.85 3.63
N ASP A 35 -14.77 7.90 4.45
CA ASP A 35 -15.82 7.94 5.46
C ASP A 35 -17.11 8.05 4.64
N THR A 36 -17.10 8.96 3.67
CA THR A 36 -18.24 9.18 2.79
C THR A 36 -18.63 7.94 2.02
N PHE A 37 -17.63 7.30 1.40
CA PHE A 37 -17.87 6.10 0.62
C PHE A 37 -18.46 4.98 1.48
N ALA A 38 -17.85 4.75 2.64
CA ALA A 38 -18.32 3.70 3.54
C ALA A 38 -19.70 4.00 4.11
N HIS A 39 -20.03 5.28 4.28
CA HIS A 39 -21.34 5.65 4.84
C HIS A 39 -22.43 5.65 3.75
N THR A 40 -22.08 5.19 2.56
CA THR A 40 -23.03 5.14 1.45
C THR A 40 -23.54 3.72 1.25
N PRO A 41 -24.87 3.52 1.28
CA PRO A 41 -25.44 2.18 1.09
C PRO A 41 -24.97 1.54 -0.22
N GLY A 42 -24.57 0.27 -0.13
CA GLY A 42 -24.13 -0.46 -1.31
C GLY A 42 -22.67 -0.38 -1.70
N LYS A 43 -21.89 0.45 -1.01
CA LYS A 43 -20.47 0.60 -1.34
C LYS A 43 -19.56 -0.39 -0.61
N VAL A 44 -19.86 -0.67 0.65
CA VAL A 44 -19.05 -1.58 1.44
C VAL A 44 -19.90 -2.72 1.99
N PHE A 45 -19.39 -3.94 1.91
CA PHE A 45 -20.12 -5.09 2.39
C PHE A 45 -20.70 -4.91 3.79
N ASN A 46 -21.98 -5.24 3.94
CA ASN A 46 -22.67 -5.16 5.21
C ASN A 46 -22.80 -3.74 5.77
N GLY A 47 -22.38 -2.75 5.00
CA GLY A 47 -22.48 -1.38 5.47
C GLY A 47 -21.38 -1.09 6.49
N ASP A 48 -20.35 -1.91 6.51
CA ASP A 48 -19.24 -1.72 7.43
C ASP A 48 -18.56 -0.39 7.10
N ASN A 49 -17.94 0.21 8.11
CA ASN A 49 -17.24 1.47 7.89
C ASN A 49 -16.04 1.56 8.83
N GLY A 50 -15.27 2.64 8.68
CA GLY A 50 -14.10 2.85 9.50
C GLY A 50 -14.33 3.54 10.83
N ASN A 51 -15.58 3.68 11.26
CA ASN A 51 -15.85 4.29 12.56
C ASN A 51 -15.34 3.18 13.48
N VAL A 52 -14.58 3.53 14.50
CA VAL A 52 -14.08 2.52 15.45
C VAL A 52 -12.98 1.58 14.93
N ALA A 53 -13.26 0.79 13.89
CA ALA A 53 -12.26 -0.13 13.34
C ALA A 53 -11.58 -0.95 14.45
N CYS A 54 -10.27 -0.80 14.58
CA CYS A 54 -9.50 -1.50 15.60
C CYS A 54 -9.30 -0.57 16.81
N ASP A 55 -9.91 0.61 16.74
CA ASP A 55 -9.80 1.61 17.80
C ASP A 55 -8.34 1.83 18.19
N SER A 56 -7.47 1.79 17.18
CA SER A 56 -6.03 1.99 17.42
C SER A 56 -5.70 3.45 17.76
N TYR A 57 -6.70 4.32 17.67
CA TYR A 57 -6.49 5.72 18.03
C TYR A 57 -6.31 5.74 19.53
N HIS A 58 -6.95 4.79 20.22
CA HIS A 58 -6.87 4.70 21.68
C HIS A 58 -6.04 3.53 22.18
N ARG A 59 -5.96 2.46 21.39
CA ARG A 59 -5.23 1.27 21.79
C ARG A 59 -3.84 1.07 21.19
N TYR A 60 -3.21 2.13 20.72
CA TYR A 60 -1.89 2.03 20.10
C TYR A 60 -0.79 1.53 21.03
N GLU A 61 -0.90 1.81 22.32
CA GLU A 61 0.12 1.35 23.26
C GLU A 61 0.15 -0.18 23.30
N GLU A 62 -1.02 -0.80 23.27
CA GLU A 62 -1.10 -2.26 23.28
C GLU A 62 -0.55 -2.83 21.97
N ASP A 63 -0.95 -2.23 20.85
CA ASP A 63 -0.49 -2.70 19.54
C ASP A 63 1.04 -2.65 19.46
N ILE A 64 1.62 -1.56 19.96
CA ILE A 64 3.06 -1.40 19.92
C ILE A 64 3.75 -2.42 20.82
N ARG A 65 3.17 -2.67 22.00
CA ARG A 65 3.76 -3.67 22.89
C ARG A 65 3.74 -5.03 22.20
N LEU A 66 2.67 -5.30 21.45
CA LEU A 66 2.56 -6.57 20.74
C LEU A 66 3.56 -6.69 19.58
N MET A 67 3.78 -5.60 18.84
CA MET A 67 4.74 -5.67 17.74
C MET A 67 6.15 -5.70 18.31
N LYS A 68 6.30 -5.13 19.51
CA LYS A 68 7.59 -5.13 20.19
C LYS A 68 8.01 -6.56 20.55
N GLU A 69 7.11 -7.34 21.14
CA GLU A 69 7.43 -8.71 21.51
C GLU A 69 7.55 -9.61 20.28
N LEU A 70 7.24 -9.05 19.11
CA LEU A 70 7.32 -9.79 17.87
C LEU A 70 8.78 -9.76 17.41
N GLY A 71 9.55 -8.78 17.90
CA GLY A 71 10.95 -8.68 17.54
C GLY A 71 11.20 -7.89 16.26
N ILE A 72 10.14 -7.29 15.76
CA ILE A 72 10.16 -6.50 14.53
C ILE A 72 11.06 -5.27 14.64
N ARG A 73 11.58 -4.79 13.51
CA ARG A 73 12.46 -3.62 13.54
C ARG A 73 11.80 -2.34 13.01
N THR A 74 10.72 -2.47 12.25
CA THR A 74 10.02 -1.29 11.74
C THR A 74 8.52 -1.51 11.71
N TYR A 75 7.78 -0.41 11.68
CA TYR A 75 6.34 -0.47 11.63
C TYR A 75 5.83 0.50 10.58
N ARG A 76 5.17 0.00 9.54
CA ARG A 76 4.64 0.88 8.51
C ARG A 76 3.21 1.22 8.87
N PHE A 77 2.95 2.53 8.92
CA PHE A 77 1.62 3.05 9.24
C PHE A 77 1.41 4.24 8.34
N SER A 78 0.18 4.71 8.25
CA SER A 78 -0.12 5.87 7.41
C SER A 78 -0.67 6.98 8.28
N VAL A 79 -0.65 8.19 7.73
CA VAL A 79 -1.13 9.36 8.44
C VAL A 79 -2.48 9.77 7.90
N SER A 80 -3.46 9.95 8.78
CA SER A 80 -4.78 10.38 8.33
C SER A 80 -4.68 11.87 7.99
N TRP A 81 -4.70 12.16 6.70
CA TRP A 81 -4.61 13.53 6.23
C TRP A 81 -5.63 14.43 6.93
N PRO A 82 -6.91 14.01 7.00
CA PRO A 82 -7.93 14.83 7.66
C PRO A 82 -7.80 15.01 9.17
N ARG A 83 -6.85 14.33 9.80
CA ARG A 83 -6.64 14.51 11.24
C ARG A 83 -5.66 15.68 11.38
N ILE A 84 -4.86 15.90 10.35
CA ILE A 84 -3.88 16.98 10.34
C ILE A 84 -4.47 18.25 9.73
N PHE A 85 -5.21 18.09 8.63
CA PHE A 85 -5.87 19.21 7.96
C PHE A 85 -7.32 18.78 7.67
N PRO A 86 -8.21 18.91 8.66
CA PRO A 86 -9.62 18.54 8.55
C PRO A 86 -10.30 18.86 7.22
N ASN A 87 -9.88 19.95 6.60
CA ASN A 87 -10.45 20.33 5.31
C ASN A 87 -9.38 20.44 4.22
N GLY A 88 -8.15 20.02 4.53
CA GLY A 88 -7.07 20.13 3.57
C GLY A 88 -7.04 21.62 3.26
N ASP A 89 -7.53 22.35 4.26
CA ASP A 89 -7.71 23.80 4.25
C ASP A 89 -6.49 24.65 4.59
N GLY A 90 -5.46 24.06 5.17
CA GLY A 90 -4.30 24.83 5.54
C GLY A 90 -4.33 25.16 7.03
N GLU A 91 -5.49 24.95 7.63
CA GLU A 91 -5.67 25.19 9.06
C GLU A 91 -5.29 23.91 9.80
N VAL A 92 -4.07 23.87 10.33
CA VAL A 92 -3.58 22.69 11.03
C VAL A 92 -4.37 22.33 12.29
N ASN A 93 -4.43 21.03 12.58
CA ASN A 93 -5.13 20.54 13.76
C ASN A 93 -4.07 19.92 14.66
N GLN A 94 -3.58 20.68 15.63
CA GLN A 94 -2.54 20.20 16.52
C GLN A 94 -2.87 18.89 17.24
N GLU A 95 -4.14 18.70 17.58
CA GLU A 95 -4.55 17.47 18.26
C GLU A 95 -4.21 16.27 17.37
N GLY A 96 -4.42 16.44 16.06
CA GLY A 96 -4.12 15.37 15.12
C GLY A 96 -2.63 15.06 15.13
N LEU A 97 -1.81 16.09 15.00
CA LEU A 97 -0.36 15.92 15.02
C LEU A 97 0.08 15.25 16.32
N ASP A 98 -0.52 15.66 17.44
CA ASP A 98 -0.16 15.09 18.74
C ASP A 98 -0.36 13.58 18.80
N TYR A 99 -1.38 13.08 18.11
CA TYR A 99 -1.63 11.64 18.12
C TYR A 99 -0.42 10.91 17.52
N TYR A 100 0.02 11.35 16.35
CA TYR A 100 1.14 10.71 15.70
C TYR A 100 2.44 10.92 16.48
N HIS A 101 2.51 11.99 17.27
CA HIS A 101 3.71 12.20 18.08
C HIS A 101 3.74 11.12 19.15
N ARG A 102 2.58 10.79 19.70
CA ARG A 102 2.51 9.76 20.74
C ARG A 102 2.88 8.40 20.16
N VAL A 103 2.35 8.09 18.99
CA VAL A 103 2.65 6.82 18.33
C VAL A 103 4.14 6.71 17.98
N VAL A 104 4.65 7.73 17.31
CA VAL A 104 6.05 7.76 16.90
C VAL A 104 7.04 7.73 18.08
N ASP A 105 6.77 8.49 19.14
CA ASP A 105 7.67 8.50 20.28
C ASP A 105 7.70 7.12 20.94
N LEU A 106 6.54 6.49 21.03
CA LEU A 106 6.46 5.18 21.62
C LEU A 106 7.21 4.17 20.75
N LEU A 107 7.12 4.35 19.43
CA LEU A 107 7.83 3.46 18.51
C LEU A 107 9.34 3.61 18.72
N ASN A 108 9.83 4.84 18.66
CA ASN A 108 11.25 5.10 18.84
C ASN A 108 11.71 4.67 20.23
N ASP A 109 10.83 4.79 21.22
CA ASP A 109 11.17 4.38 22.57
C ASP A 109 11.38 2.87 22.63
N ASN A 110 10.69 2.14 21.76
CA ASN A 110 10.79 0.69 21.73
C ASN A 110 11.78 0.18 20.68
N GLY A 111 12.55 1.10 20.10
CA GLY A 111 13.53 0.69 19.11
C GLY A 111 12.94 0.20 17.81
N ILE A 112 11.76 0.73 17.48
CA ILE A 112 11.06 0.38 16.25
C ILE A 112 11.04 1.59 15.32
N GLU A 113 11.67 1.45 14.16
CA GLU A 113 11.76 2.52 13.18
C GLU A 113 10.45 2.81 12.47
N PRO A 114 9.96 4.05 12.59
CA PRO A 114 8.70 4.37 11.91
C PRO A 114 8.90 4.36 10.39
N PHE A 115 7.94 3.83 9.66
CA PHE A 115 7.99 3.79 8.20
C PHE A 115 6.68 4.45 7.84
N CYS A 116 6.74 5.76 7.61
CA CYS A 116 5.57 6.57 7.36
C CYS A 116 5.02 6.72 5.94
N THR A 117 3.79 6.26 5.77
CA THR A 117 3.07 6.38 4.50
C THR A 117 2.23 7.66 4.66
N LEU A 118 2.52 8.67 3.85
CA LEU A 118 1.77 9.93 3.94
C LEU A 118 0.35 9.79 3.42
N TYR A 119 0.21 9.20 2.24
CA TYR A 119 -1.11 9.06 1.65
C TYR A 119 -1.59 7.64 1.49
N HIS A 120 -2.55 7.24 2.30
CA HIS A 120 -3.11 5.91 2.18
C HIS A 120 -4.61 5.98 1.96
N TRP A 121 -4.97 6.71 0.90
CA TRP A 121 -6.34 6.84 0.41
C TRP A 121 -7.37 7.72 1.12
N ASP A 122 -7.03 8.31 2.26
CA ASP A 122 -8.01 9.12 2.96
C ASP A 122 -7.99 10.62 2.66
N LEU A 123 -8.24 10.96 1.40
CA LEU A 123 -8.29 12.36 0.97
C LEU A 123 -9.42 13.08 1.70
N PRO A 124 -9.14 14.26 2.26
CA PRO A 124 -10.21 14.97 2.96
C PRO A 124 -11.36 15.23 2.00
N GLN A 125 -12.59 14.95 2.44
CA GLN A 125 -13.78 15.14 1.61
C GLN A 125 -13.91 16.56 1.08
N ALA A 126 -13.50 17.54 1.89
CA ALA A 126 -13.57 18.93 1.47
C ALA A 126 -12.84 19.11 0.14
N LEU A 127 -11.68 18.46 0.00
CA LEU A 127 -10.92 18.57 -1.23
C LEU A 127 -11.62 17.84 -2.39
N GLN A 128 -12.28 16.72 -2.08
CA GLN A 128 -12.98 15.98 -3.11
C GLN A 128 -14.16 16.79 -3.64
N ASP A 129 -14.75 17.61 -2.76
CA ASP A 129 -15.88 18.43 -3.18
C ASP A 129 -15.50 19.40 -4.29
N ALA A 130 -14.21 19.66 -4.44
CA ALA A 130 -13.73 20.58 -5.47
C ALA A 130 -13.14 19.83 -6.67
N GLY A 131 -13.13 18.51 -6.59
CA GLY A 131 -12.57 17.72 -7.68
C GLY A 131 -11.55 16.67 -7.25
N GLY A 132 -11.11 16.75 -6.00
CA GLY A 132 -10.14 15.81 -5.44
C GLY A 132 -9.22 15.02 -6.37
N TRP A 133 -7.96 15.42 -6.43
CA TRP A 133 -6.95 14.78 -7.28
C TRP A 133 -7.22 15.07 -8.75
N GLY A 134 -8.49 15.32 -9.08
CA GLY A 134 -8.81 15.67 -10.45
C GLY A 134 -8.51 17.16 -10.61
N ASN A 135 -8.49 17.87 -9.48
CA ASN A 135 -8.22 19.30 -9.44
C ASN A 135 -6.76 19.54 -9.04
N ARG A 136 -5.98 20.19 -9.89
CA ARG A 136 -4.57 20.45 -9.57
C ARG A 136 -4.35 21.14 -8.24
N ARG A 137 -5.36 21.86 -7.77
CA ARG A 137 -5.25 22.55 -6.49
C ARG A 137 -4.93 21.54 -5.38
N THR A 138 -5.39 20.31 -5.55
CA THR A 138 -5.16 19.26 -4.58
C THR A 138 -3.68 18.94 -4.46
N ILE A 139 -2.95 19.14 -5.56
CA ILE A 139 -1.51 18.91 -5.57
C ILE A 139 -0.85 19.81 -4.53
N GLN A 140 -1.19 21.09 -4.58
CA GLN A 140 -0.63 22.06 -3.64
C GLN A 140 -0.99 21.69 -2.21
N ALA A 141 -2.23 21.25 -2.00
CA ALA A 141 -2.67 20.87 -0.67
C ALA A 141 -1.88 19.69 -0.10
N PHE A 142 -1.60 18.68 -0.93
CA PHE A 142 -0.83 17.52 -0.46
C PHE A 142 0.57 17.94 -0.06
N VAL A 143 1.20 18.76 -0.88
CA VAL A 143 2.55 19.25 -0.60
C VAL A 143 2.57 19.96 0.76
N GLN A 144 1.52 20.70 1.07
CA GLN A 144 1.47 21.40 2.35
C GLN A 144 1.33 20.36 3.46
N PHE A 145 0.49 19.37 3.23
CA PHE A 145 0.29 18.29 4.19
C PHE A 145 1.65 17.59 4.40
N ALA A 146 2.28 17.21 3.31
CA ALA A 146 3.57 16.54 3.37
C ALA A 146 4.60 17.39 4.09
N GLU A 147 4.73 18.65 3.69
CA GLU A 147 5.70 19.54 4.32
C GLU A 147 5.48 19.65 5.82
N THR A 148 4.22 19.77 6.22
CA THR A 148 3.88 19.87 7.63
C THR A 148 4.42 18.66 8.39
N MET A 149 4.27 17.48 7.79
CA MET A 149 4.76 16.26 8.42
C MET A 149 6.28 16.23 8.47
N PHE A 150 6.94 16.69 7.40
CA PHE A 150 8.40 16.70 7.39
C PHE A 150 8.95 17.63 8.47
N ARG A 151 8.32 18.79 8.64
CA ARG A 151 8.77 19.76 9.63
C ARG A 151 8.47 19.29 11.05
N GLU A 152 7.28 18.74 11.27
CA GLU A 152 6.90 18.27 12.60
C GLU A 152 7.63 17.01 13.09
N PHE A 153 7.90 16.06 12.19
CA PHE A 153 8.55 14.84 12.61
C PHE A 153 10.00 14.65 12.16
N HIS A 154 10.68 15.75 11.85
CA HIS A 154 12.06 15.67 11.43
C HIS A 154 12.90 14.96 12.48
N GLY A 155 13.69 13.99 12.04
CA GLY A 155 14.54 13.26 12.96
C GLY A 155 13.85 12.12 13.69
N LYS A 156 12.53 12.12 13.71
CA LYS A 156 11.79 11.05 14.39
C LYS A 156 11.36 9.97 13.41
N ILE A 157 11.31 10.31 12.13
CA ILE A 157 10.93 9.38 11.07
C ILE A 157 12.00 9.43 9.99
N GLN A 158 12.64 8.28 9.74
CA GLN A 158 13.71 8.21 8.76
C GLN A 158 13.29 7.52 7.46
N HIS A 159 12.05 7.04 7.40
CA HIS A 159 11.57 6.36 6.20
C HIS A 159 10.20 6.91 5.82
N TRP A 160 10.11 7.45 4.61
CA TRP A 160 8.87 8.05 4.15
C TRP A 160 8.39 7.54 2.81
N LEU A 161 7.08 7.41 2.67
CA LEU A 161 6.45 6.99 1.42
C LEU A 161 5.38 8.03 1.13
N THR A 162 5.41 8.60 -0.06
CA THR A 162 4.44 9.60 -0.44
C THR A 162 3.07 9.00 -0.68
N PHE A 163 3.00 8.05 -1.60
CA PHE A 163 1.75 7.41 -1.95
C PHE A 163 1.77 5.89 -1.90
N ASN A 164 0.67 5.33 -1.43
CA ASN A 164 0.52 3.89 -1.37
C ASN A 164 -0.40 3.44 -2.49
N GLU A 165 0.15 2.66 -3.41
CA GLU A 165 -0.60 2.12 -4.55
C GLU A 165 -1.32 3.12 -5.44
N PRO A 166 -0.59 3.85 -6.29
CA PRO A 166 -1.20 4.82 -7.18
C PRO A 166 -2.26 4.21 -8.09
N TRP A 167 -2.04 2.97 -8.52
CA TRP A 167 -3.00 2.29 -9.39
C TRP A 167 -4.37 2.21 -8.75
N CYS A 168 -4.43 1.93 -7.45
CA CYS A 168 -5.71 1.83 -6.77
C CYS A 168 -6.36 3.21 -6.62
N ILE A 169 -5.55 4.18 -6.21
CA ILE A 169 -6.03 5.55 -6.02
C ILE A 169 -6.62 6.10 -7.31
N ALA A 170 -5.97 5.84 -8.43
CA ALA A 170 -6.42 6.33 -9.72
C ALA A 170 -7.43 5.45 -10.44
N PHE A 171 -6.97 4.29 -10.92
CA PHE A 171 -7.84 3.40 -11.69
C PHE A 171 -8.90 2.61 -10.94
N LEU A 172 -8.53 1.94 -9.85
CA LEU A 172 -9.50 1.17 -9.12
C LEU A 172 -10.60 2.07 -8.56
N SER A 173 -10.20 3.27 -8.13
CA SER A 173 -11.12 4.25 -7.54
C SER A 173 -11.87 5.16 -8.51
N ASN A 174 -11.25 5.50 -9.64
CA ASN A 174 -11.89 6.41 -10.58
C ASN A 174 -12.31 5.83 -11.92
N MET A 175 -11.84 4.63 -12.23
CA MET A 175 -12.22 3.99 -13.49
C MET A 175 -13.15 2.81 -13.22
N LEU A 176 -12.77 1.96 -12.28
CA LEU A 176 -13.57 0.78 -11.94
C LEU A 176 -14.59 1.10 -10.85
N GLY A 177 -14.42 2.25 -10.20
CA GLY A 177 -15.34 2.67 -9.15
C GLY A 177 -15.50 1.75 -7.95
N VAL A 178 -14.50 0.92 -7.67
CA VAL A 178 -14.58 -0.01 -6.54
C VAL A 178 -14.22 0.63 -5.20
N HIS A 179 -13.29 1.58 -5.23
CA HIS A 179 -12.86 2.27 -4.01
C HIS A 179 -13.23 3.74 -4.11
N ALA A 180 -13.25 4.43 -2.96
CA ALA A 180 -13.59 5.86 -2.92
C ALA A 180 -12.67 6.65 -3.85
N PRO A 181 -13.20 7.68 -4.54
CA PRO A 181 -14.58 8.18 -4.54
C PRO A 181 -15.58 7.40 -5.39
N GLY A 182 -15.17 6.24 -5.88
CA GLY A 182 -16.06 5.40 -6.67
C GLY A 182 -16.53 5.90 -8.03
N LEU A 183 -15.63 6.51 -8.80
CA LEU A 183 -16.01 7.02 -10.11
C LEU A 183 -15.65 6.02 -11.22
N THR A 184 -16.29 6.18 -12.37
CA THR A 184 -16.05 5.29 -13.52
C THR A 184 -15.84 6.13 -14.77
N ASN A 185 -14.69 6.79 -14.84
CA ASN A 185 -14.35 7.66 -15.98
C ASN A 185 -12.85 7.57 -16.24
N LEU A 186 -12.49 7.01 -17.39
CA LEU A 186 -11.09 6.84 -17.75
C LEU A 186 -10.29 8.13 -17.64
N GLN A 187 -10.77 9.20 -18.27
CA GLN A 187 -10.06 10.47 -18.24
C GLN A 187 -9.79 10.94 -16.82
N THR A 188 -10.79 10.84 -15.95
CA THR A 188 -10.62 11.28 -14.57
C THR A 188 -9.56 10.43 -13.85
N ALA A 189 -9.52 9.14 -14.14
CA ALA A 189 -8.54 8.25 -13.52
C ALA A 189 -7.14 8.65 -13.95
N ILE A 190 -6.99 8.93 -15.23
CA ILE A 190 -5.70 9.34 -15.77
C ILE A 190 -5.28 10.69 -15.16
N ASP A 191 -6.25 11.59 -15.00
CA ASP A 191 -5.96 12.90 -14.40
C ASP A 191 -5.46 12.69 -12.97
N VAL A 192 -6.18 11.87 -12.21
CA VAL A 192 -5.80 11.57 -10.83
C VAL A 192 -4.39 10.98 -10.78
N GLY A 193 -4.14 10.02 -11.67
CA GLY A 193 -2.83 9.39 -11.71
C GLY A 193 -1.73 10.40 -11.95
N HIS A 194 -1.94 11.30 -12.92
CA HIS A 194 -0.93 12.30 -13.24
C HIS A 194 -0.73 13.29 -12.10
N HIS A 195 -1.82 13.72 -11.48
CA HIS A 195 -1.70 14.68 -10.40
C HIS A 195 -1.04 14.07 -9.16
N LEU A 196 -1.23 12.78 -8.92
CA LEU A 196 -0.58 12.13 -7.79
C LEU A 196 0.92 12.22 -8.01
N LEU A 197 1.33 11.93 -9.24
CA LEU A 197 2.75 11.94 -9.60
C LEU A 197 3.37 13.32 -9.40
N VAL A 198 2.69 14.38 -9.85
CA VAL A 198 3.22 15.72 -9.68
C VAL A 198 3.32 16.02 -8.19
N ALA A 199 2.27 15.67 -7.46
CA ALA A 199 2.23 15.91 -6.02
C ALA A 199 3.39 15.16 -5.35
N HIS A 200 3.67 13.96 -5.86
CA HIS A 200 4.76 13.15 -5.34
C HIS A 200 6.11 13.84 -5.58
N GLY A 201 6.33 14.27 -6.81
CA GLY A 201 7.58 14.93 -7.14
C GLY A 201 7.83 16.20 -6.33
N LEU A 202 6.81 17.04 -6.17
CA LEU A 202 6.95 18.28 -5.41
C LEU A 202 7.27 17.99 -3.94
N SER A 203 6.60 16.98 -3.38
CA SER A 203 6.82 16.61 -1.99
C SER A 203 8.27 16.18 -1.80
N VAL A 204 8.78 15.39 -2.73
CA VAL A 204 10.16 14.93 -2.66
C VAL A 204 11.12 16.12 -2.73
N ARG A 205 10.79 17.08 -3.59
CA ARG A 205 11.64 18.27 -3.74
C ARG A 205 11.68 19.05 -2.42
N ARG A 206 10.52 19.22 -1.78
CA ARG A 206 10.47 19.95 -0.52
C ARG A 206 11.25 19.21 0.55
N PHE A 207 11.13 17.87 0.53
CA PHE A 207 11.84 17.02 1.47
C PHE A 207 13.32 17.34 1.37
N ARG A 208 13.82 17.44 0.14
CA ARG A 208 15.22 17.73 -0.11
C ARG A 208 15.59 19.14 0.32
N GLU A 209 14.79 20.11 -0.08
CA GLU A 209 15.04 21.51 0.26
C GLU A 209 15.05 21.75 1.77
N LEU A 210 14.13 21.11 2.49
CA LEU A 210 14.05 21.26 3.94
C LEU A 210 15.18 20.55 4.69
N GLY A 211 15.88 19.65 4.01
CA GLY A 211 16.96 18.92 4.66
C GLY A 211 16.46 17.87 5.64
N THR A 212 15.21 17.47 5.49
CA THR A 212 14.62 16.45 6.36
C THR A 212 15.49 15.21 6.37
N SER A 213 15.66 14.60 7.55
CA SER A 213 16.47 13.40 7.68
C SER A 213 15.72 12.16 7.19
N GLY A 214 16.46 11.18 6.71
CA GLY A 214 15.86 9.94 6.24
C GLY A 214 15.83 9.77 4.74
N GLN A 215 15.09 8.76 4.29
CA GLN A 215 14.97 8.47 2.86
C GLN A 215 13.49 8.56 2.49
N ILE A 216 13.22 8.84 1.21
CA ILE A 216 11.85 8.98 0.76
C ILE A 216 11.62 8.27 -0.56
N GLY A 217 10.45 7.67 -0.71
CA GLY A 217 10.10 6.96 -1.93
C GLY A 217 8.61 6.85 -2.15
N ILE A 218 8.20 5.90 -2.98
CA ILE A 218 6.78 5.70 -3.27
C ILE A 218 6.54 4.20 -3.27
N ALA A 219 5.31 3.77 -2.96
CA ALA A 219 5.02 2.34 -2.88
C ALA A 219 3.89 1.86 -3.77
N PRO A 220 4.21 1.48 -5.01
CA PRO A 220 3.16 0.99 -5.91
C PRO A 220 2.82 -0.48 -5.67
N ASN A 221 1.58 -0.85 -5.95
CA ASN A 221 1.22 -2.25 -5.81
C ASN A 221 1.60 -2.78 -7.18
N VAL A 222 2.36 -3.86 -7.19
CA VAL A 222 2.81 -4.42 -8.44
C VAL A 222 1.97 -5.61 -8.88
N SER A 223 1.74 -5.66 -10.18
CA SER A 223 0.95 -6.71 -10.79
C SER A 223 1.88 -7.61 -11.60
N TRP A 224 1.45 -8.83 -11.85
CA TRP A 224 2.23 -9.75 -12.65
C TRP A 224 1.30 -10.72 -13.36
N ALA A 225 1.39 -10.73 -14.68
CA ALA A 225 0.55 -11.61 -15.50
C ALA A 225 1.43 -12.33 -16.50
N VAL A 226 1.10 -13.60 -16.76
CA VAL A 226 1.83 -14.43 -17.71
C VAL A 226 0.81 -14.85 -18.77
N PRO A 227 1.22 -14.89 -20.05
CA PRO A 227 0.30 -15.27 -21.12
C PRO A 227 -0.17 -16.72 -21.14
N TYR A 228 -1.47 -16.90 -21.38
CA TYR A 228 -2.05 -18.23 -21.46
C TYR A 228 -1.46 -18.93 -22.67
N SER A 229 -1.37 -18.20 -23.78
CA SER A 229 -0.81 -18.74 -25.03
C SER A 229 0.49 -18.05 -25.37
N THR A 230 1.11 -18.50 -26.44
CA THR A 230 2.36 -17.90 -26.89
C THR A 230 2.06 -16.81 -27.93
N SER A 231 0.78 -16.49 -28.10
CA SER A 231 0.36 -15.48 -29.08
C SER A 231 0.84 -14.07 -28.70
N GLU A 232 1.06 -13.25 -29.71
CA GLU A 232 1.52 -11.89 -29.49
C GLU A 232 0.44 -11.06 -28.78
N GLU A 233 -0.83 -11.37 -29.05
CA GLU A 233 -1.91 -10.63 -28.41
C GLU A 233 -1.99 -10.92 -26.91
N ASP A 234 -1.83 -12.18 -26.53
CA ASP A 234 -1.86 -12.52 -25.11
C ASP A 234 -0.69 -11.83 -24.42
N LYS A 235 0.46 -11.82 -25.11
CA LYS A 235 1.66 -11.20 -24.59
C LYS A 235 1.41 -9.71 -24.36
N ALA A 236 0.70 -9.07 -25.30
CA ALA A 236 0.39 -7.65 -25.20
C ALA A 236 -0.59 -7.37 -24.06
N ALA A 237 -1.57 -8.25 -23.89
CA ALA A 237 -2.56 -8.11 -22.83
C ALA A 237 -1.86 -8.15 -21.47
N CYS A 238 -0.87 -9.03 -21.32
CA CYS A 238 -0.14 -9.14 -20.06
C CYS A 238 0.72 -7.89 -19.84
N ALA A 239 1.29 -7.36 -20.92
CA ALA A 239 2.14 -6.18 -20.82
C ALA A 239 1.33 -5.00 -20.31
N ARG A 240 0.09 -4.87 -20.76
CA ARG A 240 -0.78 -3.79 -20.32
C ARG A 240 -1.11 -3.96 -18.84
N THR A 241 -1.52 -5.17 -18.46
CA THR A 241 -1.88 -5.47 -17.08
C THR A 241 -0.72 -5.16 -16.13
N ILE A 242 0.48 -5.58 -16.49
CA ILE A 242 1.66 -5.33 -15.67
C ILE A 242 2.05 -3.86 -15.62
N SER A 243 2.17 -3.24 -16.80
CA SER A 243 2.58 -1.85 -16.90
C SER A 243 1.68 -0.80 -16.27
N LEU A 244 0.38 -0.97 -16.35
CA LEU A 244 -0.50 0.02 -15.77
C LEU A 244 -0.35 0.09 -14.26
N HIS A 245 0.03 -1.03 -13.63
CA HIS A 245 0.21 -1.05 -12.18
C HIS A 245 1.51 -0.40 -11.73
N SER A 246 2.62 -0.73 -12.39
CA SER A 246 3.92 -0.20 -12.01
C SER A 246 4.54 0.80 -12.98
N ASP A 247 4.79 0.37 -14.22
CA ASP A 247 5.40 1.22 -15.23
C ASP A 247 4.73 2.58 -15.46
N TRP A 248 3.40 2.62 -15.43
CA TRP A 248 2.72 3.89 -15.67
C TRP A 248 3.07 4.95 -14.63
N PHE A 249 3.58 4.50 -13.48
CA PHE A 249 3.97 5.44 -12.43
C PHE A 249 5.48 5.50 -12.27
N LEU A 250 6.13 4.35 -12.47
CA LEU A 250 7.59 4.29 -12.31
C LEU A 250 8.38 4.80 -13.51
N GLN A 251 7.88 4.63 -14.72
CA GLN A 251 8.64 5.13 -15.87
C GLN A 251 8.71 6.65 -15.80
N PRO A 252 7.61 7.31 -15.42
CA PRO A 252 7.65 8.77 -15.33
C PRO A 252 8.68 9.21 -14.28
N ILE A 253 8.67 8.52 -13.15
CA ILE A 253 9.59 8.85 -12.06
C ILE A 253 11.06 8.56 -12.39
N TYR A 254 11.32 7.37 -12.94
CA TYR A 254 12.70 6.99 -13.25
C TYR A 254 13.23 7.35 -14.64
N GLN A 255 12.36 7.45 -15.63
CA GLN A 255 12.84 7.73 -16.97
C GLN A 255 12.27 8.98 -17.64
N GLY A 256 11.32 9.64 -16.99
CA GLY A 256 10.77 10.87 -17.53
C GLY A 256 9.68 10.79 -18.59
N SER A 257 8.93 9.70 -18.61
CA SER A 257 7.86 9.57 -19.60
C SER A 257 6.91 8.43 -19.27
N TYR A 258 5.68 8.54 -19.77
CA TYR A 258 4.68 7.51 -19.58
C TYR A 258 4.95 6.43 -20.62
N PRO A 259 4.66 5.16 -20.29
CA PRO A 259 4.89 4.09 -21.28
C PRO A 259 4.14 4.45 -22.55
N GLN A 260 4.84 4.60 -23.67
CA GLN A 260 4.18 4.98 -24.92
C GLN A 260 3.00 4.08 -25.27
N PHE A 261 3.20 2.77 -25.29
CA PHE A 261 2.06 1.89 -25.55
C PHE A 261 1.29 2.18 -24.28
N LEU A 262 -0.03 2.12 -24.32
CA LEU A 262 -0.85 2.47 -23.16
C LEU A 262 -1.25 3.92 -23.37
N VAL A 263 -0.27 4.79 -23.61
CA VAL A 263 -0.59 6.19 -23.89
C VAL A 263 -1.41 6.09 -25.19
N ASP A 264 -0.88 5.33 -26.14
CA ASP A 264 -1.57 5.14 -27.41
C ASP A 264 -2.86 4.38 -27.13
N TRP A 265 -2.77 3.35 -26.30
CA TRP A 265 -3.93 2.55 -25.94
C TRP A 265 -5.05 3.42 -25.38
N PHE A 266 -4.71 4.34 -24.48
CA PHE A 266 -5.73 5.21 -23.90
C PHE A 266 -6.21 6.26 -24.90
N ALA A 267 -5.33 6.68 -25.79
CA ALA A 267 -5.70 7.68 -26.79
C ALA A 267 -6.81 7.10 -27.66
N GLU A 268 -6.73 5.81 -27.95
CA GLU A 268 -7.73 5.13 -28.76
C GLU A 268 -9.10 5.24 -28.11
N GLN A 269 -9.10 5.33 -26.78
CA GLN A 269 -10.35 5.44 -26.03
C GLN A 269 -10.67 6.90 -25.75
N GLY A 270 -9.97 7.79 -26.44
CA GLY A 270 -10.18 9.22 -26.30
C GLY A 270 -9.64 9.90 -25.04
N ALA A 271 -8.71 9.25 -24.34
CA ALA A 271 -8.16 9.84 -23.13
C ALA A 271 -6.70 10.26 -23.31
N THR A 272 -6.33 11.40 -22.74
CA THR A 272 -4.97 11.89 -22.84
C THR A 272 -4.47 12.42 -21.49
N VAL A 273 -3.18 12.23 -21.23
CA VAL A 273 -2.62 12.68 -19.96
C VAL A 273 -2.52 14.21 -19.97
N PRO A 274 -3.10 14.88 -18.95
CA PRO A 274 -3.06 16.35 -18.88
C PRO A 274 -1.68 16.87 -18.44
N ILE A 275 -0.67 16.61 -19.25
CA ILE A 275 0.70 17.04 -18.95
C ILE A 275 0.92 18.53 -19.21
N GLN A 276 1.41 19.25 -18.22
CA GLN A 276 1.70 20.68 -18.37
C GLN A 276 3.20 20.87 -18.33
N ASP A 277 3.69 21.95 -18.95
CA ASP A 277 5.13 22.22 -18.97
C ASP A 277 5.70 22.12 -17.57
N GLY A 278 6.82 21.42 -17.45
CA GLY A 278 7.46 21.27 -16.15
C GLY A 278 7.03 20.04 -15.36
N ASP A 279 5.83 19.53 -15.64
CA ASP A 279 5.32 18.36 -14.92
C ASP A 279 6.29 17.18 -14.91
N MET A 280 6.71 16.72 -16.09
CA MET A 280 7.60 15.58 -16.16
C MET A 280 8.92 15.80 -15.44
N ASP A 281 9.43 17.03 -15.45
CA ASP A 281 10.69 17.32 -14.76
C ASP A 281 10.46 17.17 -13.26
N ILE A 282 9.30 17.60 -12.81
CA ILE A 282 8.95 17.51 -11.40
C ILE A 282 8.85 16.05 -10.97
N ILE A 283 8.09 15.27 -11.72
CA ILE A 283 7.89 13.87 -11.43
C ILE A 283 9.20 13.09 -11.43
N GLY A 284 10.17 13.55 -12.21
CA GLY A 284 11.46 12.88 -12.29
C GLY A 284 12.39 13.11 -11.10
N GLU A 285 11.89 13.78 -10.08
CA GLU A 285 12.69 14.05 -8.88
C GLU A 285 13.27 12.72 -8.38
N PRO A 286 14.58 12.70 -8.06
CA PRO A 286 15.21 11.46 -7.58
C PRO A 286 14.65 10.96 -6.25
N ILE A 287 14.45 9.65 -6.16
CA ILE A 287 13.96 9.06 -4.91
C ILE A 287 14.96 8.02 -4.39
N ASP A 288 14.91 7.78 -3.08
CA ASP A 288 15.83 6.86 -2.44
C ASP A 288 15.51 5.38 -2.53
N MET A 289 14.23 5.05 -2.71
CA MET A 289 13.81 3.66 -2.82
C MET A 289 12.34 3.63 -3.19
N ILE A 290 11.80 2.42 -3.28
CA ILE A 290 10.39 2.26 -3.56
C ILE A 290 9.88 1.12 -2.71
N GLY A 291 8.59 1.13 -2.46
CA GLY A 291 7.97 0.08 -1.71
C GLY A 291 7.22 -0.70 -2.77
N ILE A 292 7.23 -2.02 -2.65
CA ILE A 292 6.54 -2.89 -3.60
C ILE A 292 5.46 -3.64 -2.82
N ASN A 293 4.24 -3.63 -3.33
CA ASN A 293 3.14 -4.34 -2.68
C ASN A 293 2.73 -5.48 -3.60
N TYR A 294 2.85 -6.71 -3.10
CA TYR A 294 2.54 -7.89 -3.89
C TYR A 294 1.67 -8.90 -3.14
N TYR A 295 0.69 -9.45 -3.84
CA TYR A 295 -0.20 -10.44 -3.26
C TYR A 295 -0.40 -11.65 -4.16
N SER A 296 -0.55 -11.39 -5.44
CA SER A 296 -0.83 -12.48 -6.36
C SER A 296 -0.29 -12.29 -7.77
N MET A 297 -0.46 -13.34 -8.56
CA MET A 297 0.00 -13.40 -9.93
C MET A 297 -1.15 -13.98 -10.76
N SER A 298 -1.17 -13.72 -12.05
CA SER A 298 -2.26 -14.26 -12.88
C SER A 298 -1.81 -14.72 -14.27
N VAL A 299 -2.66 -15.50 -14.92
CA VAL A 299 -2.41 -15.98 -16.28
C VAL A 299 -3.52 -15.29 -17.08
N ASN A 300 -3.13 -14.48 -18.05
CA ASN A 300 -4.10 -13.73 -18.84
C ASN A 300 -4.04 -13.99 -20.33
N ARG A 301 -5.11 -13.59 -21.02
CA ARG A 301 -5.20 -13.71 -22.46
C ARG A 301 -5.94 -12.50 -22.97
N PHE A 302 -5.72 -12.18 -24.24
CA PHE A 302 -6.41 -11.06 -24.83
C PHE A 302 -7.88 -11.41 -24.95
N ASN A 303 -8.73 -10.44 -24.66
CA ASN A 303 -10.17 -10.60 -24.77
C ASN A 303 -10.75 -9.20 -24.92
N PRO A 304 -11.28 -8.88 -26.12
CA PRO A 304 -11.87 -7.56 -26.42
C PRO A 304 -12.91 -7.06 -25.43
N GLU A 305 -13.57 -7.98 -24.73
CA GLU A 305 -14.61 -7.58 -23.78
C GLU A 305 -14.17 -7.58 -22.32
N ALA A 306 -12.91 -7.93 -22.06
CA ALA A 306 -12.44 -7.97 -20.69
C ALA A 306 -11.91 -6.64 -20.15
N GLY A 307 -12.82 -5.73 -19.80
CA GLY A 307 -12.41 -4.45 -19.24
C GLY A 307 -11.70 -3.51 -20.20
N PHE A 308 -11.31 -2.34 -19.70
CA PHE A 308 -10.67 -1.35 -20.55
C PHE A 308 -9.26 -1.73 -21.00
N LEU A 309 -8.71 -2.80 -20.45
CA LEU A 309 -7.38 -3.26 -20.85
C LEU A 309 -7.50 -4.50 -21.73
N GLN A 310 -8.73 -4.98 -21.90
CA GLN A 310 -8.99 -6.16 -22.72
C GLN A 310 -8.00 -7.26 -22.39
N SER A 311 -7.90 -7.55 -21.10
CA SER A 311 -6.99 -8.56 -20.59
C SER A 311 -7.77 -9.43 -19.62
N GLU A 312 -8.05 -10.65 -20.03
CA GLU A 312 -8.83 -11.60 -19.24
C GLU A 312 -7.97 -12.51 -18.38
N GLU A 313 -8.30 -12.62 -17.11
CA GLU A 313 -7.55 -13.48 -16.21
C GLU A 313 -8.19 -14.86 -16.23
N ILE A 314 -7.37 -15.89 -16.45
CA ILE A 314 -7.87 -17.25 -16.50
C ILE A 314 -7.81 -17.90 -15.12
N ASN A 315 -8.90 -18.58 -14.76
CA ASN A 315 -8.94 -19.30 -13.49
C ASN A 315 -8.25 -20.62 -13.80
N MET A 316 -6.99 -20.73 -13.38
CA MET A 316 -6.17 -21.92 -13.62
C MET A 316 -6.45 -23.07 -12.64
N GLY A 317 -7.35 -22.84 -11.69
CA GLY A 317 -7.68 -23.89 -10.73
C GLY A 317 -6.78 -23.94 -9.51
N LEU A 318 -5.92 -22.94 -9.34
CA LEU A 318 -5.04 -22.93 -8.19
C LEU A 318 -5.84 -22.61 -6.93
N PRO A 319 -5.42 -23.15 -5.77
CA PRO A 319 -6.18 -22.83 -4.56
C PRO A 319 -6.05 -21.33 -4.27
N VAL A 320 -7.07 -20.76 -3.63
CA VAL A 320 -7.08 -19.33 -3.34
C VAL A 320 -7.22 -19.05 -1.85
N THR A 321 -6.92 -17.81 -1.46
CA THR A 321 -7.06 -17.38 -0.08
C THR A 321 -8.55 -17.16 0.14
N ASP A 322 -8.95 -16.77 1.35
CA ASP A 322 -10.36 -16.57 1.64
C ASP A 322 -10.99 -15.34 0.99
N ILE A 323 -10.18 -14.53 0.33
CA ILE A 323 -10.71 -13.35 -0.35
C ILE A 323 -10.78 -13.66 -1.85
N GLY A 324 -10.30 -14.84 -2.23
CA GLY A 324 -10.35 -15.27 -3.62
C GLY A 324 -9.12 -15.10 -4.48
N TRP A 325 -7.96 -14.81 -3.89
CA TRP A 325 -6.76 -14.64 -4.70
C TRP A 325 -5.87 -15.88 -4.71
N PRO A 326 -5.46 -16.32 -5.89
CA PRO A 326 -4.59 -17.50 -6.00
C PRO A 326 -3.21 -17.24 -5.42
N VAL A 327 -2.60 -18.25 -4.83
CA VAL A 327 -1.26 -18.08 -4.29
C VAL A 327 -0.27 -18.69 -5.27
N GLU A 328 0.67 -17.88 -5.72
CA GLU A 328 1.71 -18.30 -6.65
C GLU A 328 2.82 -17.30 -6.38
N SER A 329 3.67 -17.62 -5.42
CA SER A 329 4.76 -16.76 -4.98
C SER A 329 5.82 -16.40 -6.01
N ARG A 330 5.98 -17.24 -7.04
CA ARG A 330 6.98 -16.98 -8.07
C ARG A 330 6.80 -15.58 -8.68
N GLY A 331 5.56 -15.09 -8.64
CA GLY A 331 5.27 -13.78 -9.19
C GLY A 331 6.10 -12.68 -8.57
N LEU A 332 6.37 -12.80 -7.27
CA LEU A 332 7.17 -11.80 -6.55
C LEU A 332 8.60 -11.80 -7.08
N TYR A 333 9.14 -13.00 -7.29
CA TYR A 333 10.49 -13.15 -7.81
C TYR A 333 10.55 -12.61 -9.24
N GLU A 334 9.53 -12.93 -10.04
CA GLU A 334 9.50 -12.48 -11.42
C GLU A 334 9.40 -10.96 -11.54
N VAL A 335 8.53 -10.33 -10.76
CA VAL A 335 8.40 -8.89 -10.88
C VAL A 335 9.59 -8.13 -10.31
N LEU A 336 10.25 -8.68 -9.30
CA LEU A 336 11.42 -8.02 -8.73
C LEU A 336 12.50 -7.92 -9.82
N HIS A 337 12.64 -8.98 -10.61
CA HIS A 337 13.62 -8.97 -11.69
C HIS A 337 13.16 -8.03 -12.80
N TYR A 338 11.85 -8.04 -13.06
CA TYR A 338 11.28 -7.18 -14.09
C TYR A 338 11.61 -5.71 -13.77
N LEU A 339 11.44 -5.35 -12.50
CA LEU A 339 11.67 -3.99 -12.04
C LEU A 339 13.12 -3.52 -12.19
N GLN A 340 14.05 -4.43 -12.45
CA GLN A 340 15.44 -4.03 -12.59
C GLN A 340 15.65 -3.13 -13.81
N LYS A 341 14.63 -3.03 -14.66
CA LYS A 341 14.71 -2.17 -15.83
C LYS A 341 14.99 -0.73 -15.40
N TYR A 342 14.73 -0.44 -14.13
CA TYR A 342 14.99 0.90 -13.59
C TYR A 342 16.30 0.93 -12.83
N GLY A 343 17.05 -0.15 -12.93
CA GLY A 343 18.32 -0.25 -12.22
C GLY A 343 18.12 -1.08 -10.97
N ASN A 344 19.21 -1.42 -10.29
CA ASN A 344 19.12 -2.21 -9.06
C ASN A 344 18.81 -1.28 -7.90
N ILE A 345 17.59 -0.75 -7.89
CA ILE A 345 17.14 0.17 -6.87
C ILE A 345 16.79 -0.50 -5.55
N ASP A 346 16.84 0.28 -4.48
CA ASP A 346 16.49 -0.22 -3.16
C ASP A 346 15.00 -0.51 -3.14
N ILE A 347 14.65 -1.74 -2.80
CA ILE A 347 13.26 -2.14 -2.76
C ILE A 347 12.87 -2.76 -1.44
N TYR A 348 11.75 -2.30 -0.88
CA TYR A 348 11.23 -2.84 0.36
C TYR A 348 9.90 -3.48 0.00
N ILE A 349 9.63 -4.66 0.54
CA ILE A 349 8.35 -5.30 0.29
C ILE A 349 7.48 -4.65 1.35
N THR A 350 6.82 -3.56 0.98
CA THR A 350 6.03 -2.88 1.97
C THR A 350 4.72 -3.64 2.25
N GLU A 351 4.28 -4.45 1.29
CA GLU A 351 3.01 -5.19 1.48
C GLU A 351 3.03 -6.58 0.90
N ASN A 352 2.58 -7.52 1.75
CA ASN A 352 2.50 -8.95 1.49
C ASN A 352 1.82 -9.66 2.64
N GLY A 353 0.80 -10.43 2.28
CA GLY A 353 0.06 -11.18 3.28
C GLY A 353 -1.10 -11.91 2.64
N ALA A 354 -1.95 -12.51 3.44
CA ALA A 354 -3.07 -13.26 2.87
C ALA A 354 -4.32 -13.17 3.70
N CYS A 355 -5.46 -13.18 3.03
CA CYS A 355 -6.73 -13.16 3.73
C CYS A 355 -7.05 -14.59 4.14
N ILE A 356 -6.98 -14.85 5.44
CA ILE A 356 -7.27 -16.16 6.01
C ILE A 356 -8.20 -15.84 7.17
N ASN A 357 -9.44 -16.28 7.08
CA ASN A 357 -10.41 -15.94 8.10
C ASN A 357 -10.55 -16.82 9.35
N ASP A 358 -9.52 -17.60 9.66
CA ASP A 358 -9.59 -18.45 10.85
C ASP A 358 -9.87 -17.61 12.09
N GLU A 359 -10.73 -18.12 12.96
CA GLU A 359 -11.11 -17.44 14.19
C GLU A 359 -10.43 -18.07 15.41
N VAL A 360 -10.72 -17.51 16.59
CA VAL A 360 -10.17 -18.00 17.84
C VAL A 360 -10.88 -19.29 18.27
N VAL A 361 -10.10 -20.36 18.43
CA VAL A 361 -10.66 -21.64 18.86
C VAL A 361 -9.70 -22.22 19.91
N ASN A 362 -10.23 -22.57 21.07
CA ASN A 362 -9.41 -23.11 22.15
C ASN A 362 -8.32 -22.10 22.51
N GLY A 363 -8.66 -20.82 22.46
CA GLY A 363 -7.69 -19.78 22.81
C GLY A 363 -6.65 -19.42 21.77
N LYS A 364 -6.68 -20.07 20.60
CA LYS A 364 -5.70 -19.75 19.57
C LYS A 364 -6.30 -19.64 18.17
N VAL A 365 -5.52 -19.09 17.25
CA VAL A 365 -5.95 -18.95 15.87
C VAL A 365 -4.96 -19.76 15.04
N GLN A 366 -5.36 -20.98 14.68
CA GLN A 366 -4.52 -21.88 13.91
C GLN A 366 -4.50 -21.53 12.43
N ASP A 367 -3.94 -20.37 12.09
CA ASP A 367 -3.89 -19.93 10.70
C ASP A 367 -2.68 -20.48 9.92
N ASP A 368 -2.60 -21.80 9.83
CA ASP A 368 -1.51 -22.47 9.13
C ASP A 368 -1.37 -22.01 7.68
N ARG A 369 -2.48 -21.73 7.03
CA ARG A 369 -2.45 -21.27 5.64
C ARG A 369 -1.76 -19.92 5.48
N ARG A 370 -1.80 -19.09 6.53
CA ARG A 370 -1.14 -17.79 6.48
C ARG A 370 0.36 -18.03 6.61
N ILE A 371 0.74 -18.94 7.50
CA ILE A 371 2.14 -19.28 7.69
C ILE A 371 2.70 -19.82 6.37
N SER A 372 1.94 -20.73 5.76
CA SER A 372 2.35 -21.32 4.49
C SER A 372 2.54 -20.25 3.43
N TYR A 373 1.60 -19.30 3.36
CA TYR A 373 1.68 -18.22 2.39
C TYR A 373 2.92 -17.37 2.62
N MET A 374 3.15 -16.96 3.86
CA MET A 374 4.31 -16.11 4.16
C MET A 374 5.64 -16.81 3.91
N GLN A 375 5.69 -18.10 4.21
CA GLN A 375 6.90 -18.88 4.03
C GLN A 375 7.27 -18.90 2.54
N GLN A 376 6.28 -19.20 1.71
CA GLN A 376 6.49 -19.24 0.27
C GLN A 376 7.01 -17.92 -0.28
N HIS A 377 6.43 -16.81 0.17
CA HIS A 377 6.88 -15.52 -0.34
C HIS A 377 8.22 -15.06 0.21
N LEU A 378 8.53 -15.42 1.45
CA LEU A 378 9.80 -15.02 2.02
C LEU A 378 10.92 -15.78 1.30
N VAL A 379 10.61 -16.96 0.78
CA VAL A 379 11.59 -17.73 0.04
C VAL A 379 11.97 -16.98 -1.24
N GLN A 380 10.97 -16.43 -1.92
CA GLN A 380 11.23 -15.68 -3.15
C GLN A 380 12.02 -14.42 -2.85
N VAL A 381 11.82 -13.86 -1.66
CA VAL A 381 12.55 -12.66 -1.26
C VAL A 381 14.03 -13.04 -1.09
N HIS A 382 14.29 -14.15 -0.40
CA HIS A 382 15.65 -14.61 -0.21
C HIS A 382 16.27 -14.89 -1.56
N ARG A 383 15.46 -15.49 -2.43
CA ARG A 383 15.89 -15.85 -3.77
C ARG A 383 16.32 -14.61 -4.56
N ALA A 384 15.57 -13.52 -4.43
CA ALA A 384 15.89 -12.29 -5.14
C ALA A 384 17.18 -11.70 -4.60
N ILE A 385 17.30 -11.68 -3.28
CA ILE A 385 18.49 -11.15 -2.62
C ILE A 385 19.70 -11.94 -3.08
N HIS A 386 19.54 -13.26 -3.16
CA HIS A 386 20.61 -14.14 -3.58
C HIS A 386 21.04 -13.83 -5.02
N ASP A 387 20.13 -13.26 -5.81
CA ASP A 387 20.45 -12.90 -7.19
C ASP A 387 21.12 -11.53 -7.25
N GLY A 388 21.42 -10.96 -6.08
CA GLY A 388 22.07 -9.67 -6.02
C GLY A 388 21.15 -8.46 -6.05
N LEU A 389 19.84 -8.70 -5.97
CA LEU A 389 18.89 -7.60 -5.98
C LEU A 389 18.81 -6.97 -4.59
N HIS A 390 18.73 -5.65 -4.55
CA HIS A 390 18.69 -4.93 -3.28
C HIS A 390 17.33 -4.85 -2.57
N VAL A 391 16.81 -5.99 -2.14
CA VAL A 391 15.56 -6.01 -1.41
C VAL A 391 16.00 -5.84 0.04
N LYS A 392 15.66 -4.69 0.60
CA LYS A 392 16.07 -4.28 1.95
C LYS A 392 15.21 -4.71 3.16
N GLY A 393 13.94 -5.01 2.92
CA GLY A 393 13.10 -5.40 4.04
C GLY A 393 11.79 -6.01 3.62
N TYR A 394 11.02 -6.44 4.61
CA TYR A 394 9.74 -7.07 4.37
C TYR A 394 8.76 -6.70 5.48
N MET A 395 7.57 -6.30 5.09
CA MET A 395 6.54 -5.92 6.04
C MET A 395 5.26 -6.70 5.80
N ALA A 396 4.94 -7.60 6.74
CA ALA A 396 3.75 -8.43 6.68
C ALA A 396 2.51 -7.55 6.63
N TRP A 397 1.70 -7.67 5.59
CA TRP A 397 0.54 -6.81 5.58
C TRP A 397 -0.37 -7.12 6.72
N SER A 398 -0.36 -6.15 7.61
CA SER A 398 -1.15 -6.08 8.80
C SER A 398 -0.88 -6.86 10.06
N LEU A 399 -0.53 -6.07 11.04
CA LEU A 399 -0.27 -6.51 12.38
C LEU A 399 -1.62 -7.03 12.87
N LEU A 400 -2.68 -6.32 12.48
CA LEU A 400 -4.04 -6.60 12.93
C LEU A 400 -5.10 -6.84 11.87
N ASP A 401 -6.13 -7.61 12.22
CA ASP A 401 -7.25 -7.83 11.32
C ASP A 401 -7.86 -6.43 11.29
N ASN A 402 -8.33 -5.97 10.13
CA ASN A 402 -8.87 -4.62 10.08
C ASN A 402 -9.96 -4.39 9.03
N PHE A 403 -10.29 -3.11 8.82
CA PHE A 403 -11.30 -2.73 7.84
C PHE A 403 -10.70 -2.93 6.44
N GLU A 404 -11.08 -4.02 5.78
CA GLU A 404 -10.56 -4.33 4.45
C GLU A 404 -11.35 -3.64 3.34
N TRP A 405 -11.38 -2.32 3.40
CA TRP A 405 -12.06 -1.51 2.42
C TRP A 405 -13.45 -2.00 2.01
N ALA A 406 -13.69 -2.18 0.72
CA ALA A 406 -15.02 -2.63 0.27
C ALA A 406 -15.49 -3.98 0.80
N GLU A 407 -14.59 -4.74 1.40
CA GLU A 407 -14.95 -6.06 1.94
C GLU A 407 -15.40 -5.92 3.38
N GLY A 408 -15.11 -4.77 3.98
CA GLY A 408 -15.48 -4.58 5.37
C GLY A 408 -14.58 -5.42 6.25
N TYR A 409 -15.04 -5.74 7.45
CA TYR A 409 -14.26 -6.53 8.41
C TYR A 409 -14.30 -8.02 8.15
N ASN A 410 -15.06 -8.43 7.13
CA ASN A 410 -15.22 -9.83 6.79
C ASN A 410 -13.91 -10.52 6.36
N MET A 411 -13.03 -9.78 5.69
CA MET A 411 -11.77 -10.36 5.22
C MET A 411 -10.60 -10.02 6.13
N ARG A 412 -10.16 -11.01 6.92
CA ARG A 412 -9.05 -10.84 7.86
C ARG A 412 -7.66 -11.09 7.27
N PHE A 413 -6.75 -10.15 7.50
CA PHE A 413 -5.38 -10.22 7.01
C PHE A 413 -4.34 -10.16 8.12
N GLY A 414 -4.79 -9.96 9.34
CA GLY A 414 -3.85 -9.81 10.44
C GLY A 414 -3.09 -11.02 10.93
N MET A 415 -1.99 -10.76 11.64
CA MET A 415 -1.20 -11.83 12.25
C MET A 415 -1.69 -11.85 13.69
N ILE A 416 -2.51 -10.85 14.01
CA ILE A 416 -3.11 -10.72 15.34
C ILE A 416 -4.61 -10.63 15.13
N HIS A 417 -5.35 -11.54 15.75
CA HIS A 417 -6.79 -11.53 15.60
C HIS A 417 -7.43 -10.46 16.47
N VAL A 418 -8.42 -9.77 15.90
CA VAL A 418 -9.13 -8.74 16.64
C VAL A 418 -10.61 -9.07 16.62
N ASP A 419 -11.19 -9.23 17.80
CA ASP A 419 -12.61 -9.50 17.92
C ASP A 419 -13.22 -8.12 17.97
N PHE A 420 -13.90 -7.73 16.90
CA PHE A 420 -14.49 -6.40 16.84
C PHE A 420 -15.65 -6.16 17.82
N ARG A 421 -16.09 -7.18 18.54
CA ARG A 421 -17.17 -7.01 19.51
C ARG A 421 -16.58 -6.48 20.80
N THR A 422 -15.31 -6.83 21.04
CA THR A 422 -14.63 -6.46 22.28
C THR A 422 -13.31 -5.71 22.09
N GLN A 423 -12.78 -5.75 20.87
CA GLN A 423 -11.50 -5.12 20.56
C GLN A 423 -10.34 -5.91 21.17
N VAL A 424 -10.64 -7.11 21.69
CA VAL A 424 -9.60 -7.96 22.28
C VAL A 424 -8.63 -8.45 21.20
N ARG A 425 -7.34 -8.41 21.50
CA ARG A 425 -6.32 -8.86 20.57
C ARG A 425 -5.88 -10.28 20.92
N THR A 426 -5.77 -11.15 19.92
CA THR A 426 -5.31 -12.52 20.14
C THR A 426 -4.28 -12.87 19.07
N PRO A 427 -2.98 -12.88 19.41
CA PRO A 427 -1.94 -13.21 18.43
C PRO A 427 -2.21 -14.57 17.78
N LYS A 428 -2.17 -14.61 16.45
CA LYS A 428 -2.41 -15.85 15.75
C LYS A 428 -1.14 -16.71 15.74
N GLN A 429 -1.27 -17.96 15.33
CA GLN A 429 -0.10 -18.82 15.30
C GLN A 429 0.94 -18.28 14.34
N SER A 430 0.48 -17.57 13.30
CA SER A 430 1.41 -16.99 12.33
C SER A 430 2.28 -15.94 13.01
N TYR A 431 1.72 -15.30 14.05
CA TYR A 431 2.44 -14.29 14.80
C TYR A 431 3.65 -14.91 15.50
N TYR A 432 3.44 -16.07 16.13
CA TYR A 432 4.55 -16.72 16.82
C TYR A 432 5.53 -17.30 15.83
N TRP A 433 5.03 -17.74 14.68
CA TRP A 433 5.91 -18.29 13.65
C TRP A 433 6.79 -17.14 13.14
N TYR A 434 6.18 -15.99 12.89
CA TYR A 434 6.89 -14.82 12.39
C TYR A 434 7.90 -14.31 13.42
N ARG A 435 7.51 -14.33 14.70
CA ARG A 435 8.41 -13.87 15.76
C ARG A 435 9.70 -14.70 15.72
N ASN A 436 9.56 -16.00 15.51
CA ASN A 436 10.73 -16.88 15.45
C ASN A 436 11.59 -16.59 14.22
N VAL A 437 10.95 -16.39 13.08
CA VAL A 437 11.69 -16.11 11.86
C VAL A 437 12.49 -14.80 11.96
N VAL A 438 11.83 -13.71 12.34
CA VAL A 438 12.52 -12.42 12.46
C VAL A 438 13.60 -12.50 13.53
N GLY A 439 13.30 -13.15 14.65
CA GLY A 439 14.28 -13.27 15.71
C GLY A 439 15.55 -14.00 15.28
N ASN A 440 15.38 -15.08 14.52
CA ASN A 440 16.52 -15.87 14.06
C ASN A 440 17.18 -15.26 12.82
N ASN A 441 16.40 -14.52 12.05
CA ASN A 441 16.85 -13.89 10.82
C ASN A 441 17.01 -14.91 9.77
N TRP A 442 16.51 -16.15 9.96
CA TRP A 442 16.55 -17.09 8.85
C TRP A 442 15.28 -17.92 8.86
N LEU A 443 15.01 -18.61 7.76
CA LEU A 443 13.80 -19.39 7.58
C LEU A 443 14.12 -20.83 7.16
N GLU A 444 13.27 -21.76 7.56
CA GLU A 444 13.44 -23.16 7.18
C GLU A 444 12.13 -23.76 6.71
N THR A 445 12.17 -24.38 5.53
CA THR A 445 11.00 -25.04 4.99
C THR A 445 11.18 -26.52 5.33
N ARG A 446 10.12 -27.17 5.79
CA ARG A 446 10.18 -28.59 6.16
C ARG A 446 8.95 -29.33 5.64
N ARG A 447 9.12 -30.62 5.36
CA ARG A 447 8.01 -31.43 4.86
C ARG A 447 6.94 -31.65 5.92
C1 G2F B . -2.49 -3.41 0.19
C2 G2F B . -3.25 -2.10 0.50
C3 G2F B . -4.09 -2.30 1.78
C4 G2F B . -5.06 -3.47 1.58
C5 G2F B . -4.28 -4.71 1.14
C6 G2F B . -5.17 -5.88 0.78
O3 G2F B . -4.79 -1.11 2.10
O4 G2F B . -5.73 -3.73 2.80
O5 G2F B . -3.47 -4.42 -0.02
O6 G2F B . -6.16 -5.51 -0.18
F2 G2F B . -2.37 -0.98 0.65
C1 NFG C . 1.70 24.39 -7.37
O1 NFG C . 2.40 24.31 -6.14
C2 NFG C . 2.27 23.31 -8.27
F NFG C . 3.66 23.51 -8.49
C3 NFG C . 1.52 23.29 -9.58
O3 NFG C . 1.99 22.19 -10.36
C4 NFG C . 0.01 23.17 -9.37
O4 NFG C . -0.64 23.33 -10.64
C5 NFG C . -0.48 24.26 -8.39
C6 NFG C . -1.91 24.05 -7.99
O6 NFG C . -2.39 25.05 -7.09
O5 NFG C . 0.30 24.19 -7.16
C11 NFG C . 2.34 25.34 -5.20
C12 NFG C . 3.01 25.12 -3.95
N1 NFG C . 3.76 23.87 -3.65
O11 NFG C . 3.45 22.82 -4.21
O12 NFG C . 4.66 23.87 -2.81
C13 NFG C . 3.00 26.11 -2.95
C14 NFG C . 2.34 27.31 -3.14
N2 NFG C . 2.25 28.41 -2.18
O21 NFG C . 1.97 29.54 -2.55
O22 NFG C . 2.45 28.17 -0.99
C15 NFG C . 1.66 27.54 -4.37
C16 NFG C . 1.66 26.57 -5.38
#